data_3IJZ
#
_entry.id   3IJZ
#
_cell.length_a   77.656
_cell.length_b   77.656
_cell.length_c   224.969
_cell.angle_alpha   90.00
_cell.angle_beta   90.00
_cell.angle_gamma   120.00
#
_symmetry.space_group_name_H-M   'P 61 2 2'
#
loop_
_entity.id
_entity.type
_entity.pdbx_description
1 polymer 'Thymidylate synthase'
2 non-polymer 2-(4-acetylphenyl)-4-methyl-1H-isoindole-1,3(2H)-dione
3 non-polymer "2'-DEOXYURIDINE 5'-MONOPHOSPHATE"
4 water water
#
_entity_poly.entity_id   1
_entity_poly.type   'polypeptide(L)'
_entity_poly.pdbx_seq_one_letter_code
;MLEQPYLDLAKKVLDEGHFKPDRTHTGTYSIFGHQMRFDLSKGFPLLTTKKVPFGLIKSELLWFLHGDTNIRFLLQHRNH
IWDEWAFEKWVKSDEYHGPDMTDFGHRSQKDPEFAAVYHEEMAKFDDRVLHDDAFAAKYGDLGLVYGSQWRAWHTSKGDT
IDQLGDVIEQIKTHPYSRRLIVSAWNPEDVPTMALPPCHTLYQFYVNDGKLSLQLYQRSADIFLGVPFNIASYALLTHLV
AHECGLEVGEFIHTFGDAHLYVNHLDQIKEQLSRTPRPAPTLQLNPDKHDIFDFDMKDIKLLNYDPYPAIKAPVAV
;
_entity_poly.pdbx_strand_id   A
#
# COMPACT_ATOMS: atom_id res chain seq x y z
N MET A 1 16.12 2.37 -17.52
CA MET A 1 14.70 1.93 -17.51
C MET A 1 13.99 2.38 -16.24
N LEU A 2 12.68 2.51 -16.39
CA LEU A 2 11.84 3.16 -15.41
C LEU A 2 12.03 2.62 -13.99
N GLU A 3 12.23 1.32 -13.85
CA GLU A 3 12.29 0.67 -12.54
C GLU A 3 13.69 0.51 -11.92
N GLN A 4 14.73 0.95 -12.62
CA GLN A 4 16.11 0.84 -12.13
C GLN A 4 16.33 1.39 -10.71
N PRO A 5 15.65 2.51 -10.35
CA PRO A 5 15.87 2.99 -8.96
C PRO A 5 15.50 1.99 -7.90
N TYR A 6 14.45 1.20 -8.18
CA TYR A 6 14.10 0.16 -7.26
C TYR A 6 15.26 -0.81 -7.15
N LEU A 7 15.84 -1.21 -8.28
CA LEU A 7 16.88 -2.26 -8.22
C LEU A 7 18.18 -1.68 -7.58
N ASP A 8 18.48 -0.41 -7.86
CA ASP A 8 19.60 0.29 -7.17
C ASP A 8 19.39 0.33 -5.65
N LEU A 9 18.15 0.52 -5.17
CA LEU A 9 17.91 0.54 -3.75
C LEU A 9 18.18 -0.84 -3.16
N ALA A 10 17.66 -1.88 -3.81
CA ALA A 10 17.90 -3.24 -3.35
C ALA A 10 19.40 -3.51 -3.25
N LYS A 11 20.14 -3.13 -4.28
CA LYS A 11 21.57 -3.42 -4.36
C LYS A 11 22.36 -2.64 -3.30
N LYS A 12 22.07 -1.34 -3.20
CA LYS A 12 22.64 -0.48 -2.15
C LYS A 12 22.41 -1.03 -0.73
N VAL A 13 21.23 -1.55 -0.45
CA VAL A 13 21.06 -2.17 0.88
C VAL A 13 21.89 -3.47 1.04
N LEU A 14 22.04 -4.20 -0.07
CA LEU A 14 22.87 -5.41 -0.08
C LEU A 14 24.33 -5.11 0.18
N ASP A 15 24.85 -4.13 -0.57
CA ASP A 15 26.23 -3.68 -0.45
C ASP A 15 26.50 -2.82 0.78
N GLU A 16 25.67 -1.81 1.05
CA GLU A 16 25.98 -0.84 2.13
C GLU A 16 25.00 -0.80 3.29
N GLY A 17 24.17 -1.82 3.45
CA GLY A 17 23.16 -1.80 4.51
C GLY A 17 23.78 -2.07 5.89
N HIS A 18 23.16 -1.52 6.94
CA HIS A 18 23.61 -1.73 8.32
C HIS A 18 22.74 -2.76 8.96
N PHE A 19 23.35 -3.70 9.66
CA PHE A 19 22.57 -4.74 10.32
C PHE A 19 21.96 -4.16 11.57
N LYS A 20 20.72 -4.58 11.87
CA LYS A 20 20.03 -4.29 13.11
C LYS A 20 19.16 -5.48 13.48
N PRO A 21 19.00 -5.76 14.78
CA PRO A 21 18.03 -6.79 15.21
C PRO A 21 16.59 -6.26 15.20
N ASP A 22 15.59 -7.17 15.24
CA ASP A 22 14.19 -6.83 15.59
C ASP A 22 13.22 -8.00 15.99
N ARG A 23 12.49 -8.54 15.01
CA ARG A 23 11.40 -9.53 15.14
C ARG A 23 11.02 -10.06 13.74
N THR A 24 10.19 -11.12 13.69
CA THR A 24 9.80 -11.80 12.41
C THR A 24 11.08 -12.15 11.64
N HIS A 25 11.82 -13.12 12.19
CA HIS A 25 13.22 -13.48 11.80
C HIS A 25 14.28 -12.53 12.39
N THR A 26 15.54 -12.90 12.16
CA THR A 26 16.69 -12.44 12.96
C THR A 26 16.92 -10.93 13.02
N GLY A 27 16.57 -10.23 11.95
CA GLY A 27 16.91 -8.81 11.87
C GLY A 27 16.93 -8.29 10.44
N THR A 28 17.41 -7.04 10.30
CA THR A 28 17.34 -6.34 9.02
C THR A 28 18.69 -5.79 8.58
N TYR A 29 18.79 -5.52 7.29
CA TYR A 29 19.82 -4.65 6.76
C TYR A 29 19.10 -3.40 6.24
N SER A 30 19.58 -2.22 6.63
CA SER A 30 18.87 -0.99 6.32
C SER A 30 19.73 0.21 5.99
N ILE A 31 19.09 1.14 5.28
CA ILE A 31 19.67 2.48 5.08
C ILE A 31 18.60 3.54 5.36
N PHE A 32 19.05 4.76 5.63
CA PHE A 32 18.18 5.87 6.01
C PHE A 32 18.26 7.03 5.04
N GLY A 33 17.12 7.58 4.66
CA GLY A 33 17.13 8.70 3.78
C GLY A 33 17.16 8.49 2.28
N HIS A 34 17.03 7.25 1.77
CA HIS A 34 17.10 7.06 0.31
C HIS A 34 15.88 7.63 -0.45
N GLN A 35 16.08 8.06 -1.70
CA GLN A 35 15.03 8.60 -2.57
C GLN A 35 14.95 7.89 -3.94
N MET A 36 13.75 7.62 -4.47
CA MET A 36 13.60 7.07 -5.83
C MET A 36 12.70 7.99 -6.63
N ARG A 37 13.08 8.27 -7.88
CA ARG A 37 12.28 9.14 -8.73
C ARG A 37 11.83 8.31 -9.94
N PHE A 38 10.58 8.52 -10.35
CA PHE A 38 10.00 7.81 -11.52
C PHE A 38 9.26 8.82 -12.40
N ASP A 39 9.73 9.00 -13.63
CA ASP A 39 9.07 9.92 -14.57
C ASP A 39 7.88 9.16 -15.15
N LEU A 40 6.69 9.48 -14.67
CA LEU A 40 5.47 8.80 -15.06
C LEU A 40 5.06 8.97 -16.54
N SER A 41 5.68 9.89 -17.27
CA SER A 41 5.45 10.00 -18.73
C SER A 41 6.18 8.92 -19.54
N LYS A 42 7.06 8.17 -18.88
CA LYS A 42 7.85 7.13 -19.54
C LYS A 42 7.18 5.78 -19.48
N GLY A 43 6.09 5.72 -18.71
CA GLY A 43 5.35 4.49 -18.54
C GLY A 43 4.94 4.35 -17.10
N PHE A 44 4.29 3.25 -16.79
CA PHE A 44 3.81 3.03 -15.45
C PHE A 44 4.75 2.10 -14.64
N PRO A 45 5.23 2.57 -13.46
CA PRO A 45 6.30 1.84 -12.69
C PRO A 45 5.77 0.66 -11.88
N LEU A 46 5.12 -0.26 -12.58
CA LEU A 46 4.83 -1.55 -11.95
C LEU A 46 6.02 -2.43 -12.26
N LEU A 47 6.60 -3.14 -11.29
CA LEU A 47 7.86 -3.83 -11.58
C LEU A 47 7.73 -4.93 -12.68
N THR A 48 8.58 -4.85 -13.69
CA THR A 48 8.71 -5.95 -14.65
C THR A 48 9.60 -7.08 -14.18
N THR A 49 10.54 -6.82 -13.25
CA THR A 49 11.47 -7.87 -12.78
C THR A 49 10.90 -8.85 -11.79
N LYS A 50 9.67 -8.61 -11.37
CA LYS A 50 8.96 -9.59 -10.56
C LYS A 50 7.49 -9.25 -10.75
N LYS A 51 6.64 -10.26 -10.91
CA LYS A 51 5.21 -9.97 -11.13
C LYS A 51 4.63 -9.33 -9.86
N VAL A 52 3.96 -8.20 -10.03
CA VAL A 52 3.27 -7.56 -8.92
C VAL A 52 1.79 -7.51 -9.27
N PRO A 53 0.88 -7.98 -8.38
CA PRO A 53 -0.56 -8.12 -8.75
C PRO A 53 -1.36 -6.79 -8.73
N PHE A 54 -1.51 -6.24 -9.92
CA PHE A 54 -2.09 -4.94 -10.07
C PHE A 54 -3.55 -4.84 -9.60
N GLY A 55 -4.29 -5.96 -9.71
CA GLY A 55 -5.67 -5.99 -9.19
C GLY A 55 -5.78 -5.78 -7.68
N LEU A 56 -4.84 -6.30 -6.94
CA LEU A 56 -4.86 -6.08 -5.50
C LEU A 56 -4.47 -4.60 -5.15
N ILE A 57 -3.62 -4.01 -5.95
CA ILE A 57 -3.23 -2.61 -5.77
C ILE A 57 -4.42 -1.68 -6.09
N LYS A 58 -5.04 -1.88 -7.27
CA LYS A 58 -6.24 -1.15 -7.68
C LYS A 58 -7.31 -1.23 -6.60
N SER A 59 -7.64 -2.43 -6.14
CA SER A 59 -8.77 -2.49 -5.21
C SER A 59 -8.44 -1.89 -3.86
N GLU A 60 -7.22 -2.13 -3.37
CA GLU A 60 -6.80 -1.46 -2.12
C GLU A 60 -6.87 0.07 -2.27
N LEU A 61 -6.42 0.60 -3.39
CA LEU A 61 -6.40 2.04 -3.50
C LEU A 61 -7.84 2.56 -3.55
N LEU A 62 -8.73 1.86 -4.28
CA LEU A 62 -10.11 2.38 -4.38
C LEU A 62 -10.78 2.34 -3.04
N TRP A 63 -10.46 1.32 -2.27
CA TRP A 63 -10.92 1.19 -0.88
C TRP A 63 -10.54 2.43 0.00
N PHE A 64 -9.24 2.78 0.04
CA PHE A 64 -8.77 4.02 0.71
C PHE A 64 -9.60 5.20 0.21
N LEU A 65 -9.78 5.28 -1.11
CA LEU A 65 -10.39 6.39 -1.81
C LEU A 65 -11.88 6.58 -1.53
N HIS A 66 -12.53 5.54 -1.01
CA HIS A 66 -13.93 5.58 -0.56
C HIS A 66 -13.99 5.98 0.91
N GLY A 67 -12.81 6.11 1.53
CA GLY A 67 -12.72 6.36 2.96
C GLY A 67 -13.12 5.12 3.72
N ASP A 68 -13.05 3.96 3.08
CA ASP A 68 -13.53 2.69 3.71
C ASP A 68 -12.44 1.99 4.51
N THR A 69 -12.77 1.50 5.69
CA THR A 69 -11.85 0.75 6.50
C THR A 69 -12.35 -0.68 6.78
N ASN A 70 -13.41 -1.11 6.10
CA ASN A 70 -13.93 -2.44 6.37
C ASN A 70 -13.36 -3.44 5.38
N ILE A 71 -12.71 -4.50 5.82
CA ILE A 71 -12.21 -5.46 4.81
C ILE A 71 -13.29 -6.14 3.88
N ARG A 72 -14.58 -6.02 4.23
CA ARG A 72 -15.61 -6.60 3.40
C ARG A 72 -15.46 -6.18 1.96
N PHE A 73 -15.23 -4.89 1.71
CA PHE A 73 -15.03 -4.40 0.29
C PHE A 73 -13.89 -5.09 -0.47
N LEU A 74 -12.79 -5.35 0.27
CA LEU A 74 -11.62 -5.98 -0.26
C LEU A 74 -11.93 -7.48 -0.50
N LEU A 75 -12.52 -8.17 0.48
CA LEU A 75 -13.04 -9.54 0.25
C LEU A 75 -13.92 -9.67 -1.03
N GLN A 76 -14.80 -8.70 -1.28
CA GLN A 76 -15.63 -8.70 -2.47
C GLN A 76 -14.87 -8.53 -3.76
N HIS A 77 -13.57 -8.28 -3.62
CA HIS A 77 -12.71 -8.19 -4.79
C HIS A 77 -11.63 -9.21 -4.71
N ARG A 78 -11.75 -10.15 -3.81
CA ARG A 78 -10.79 -11.28 -3.76
C ARG A 78 -9.39 -10.79 -3.37
N ASN A 79 -9.39 -9.83 -2.47
CA ASN A 79 -8.18 -9.16 -2.04
C ASN A 79 -8.09 -9.43 -0.58
N HIS A 80 -7.09 -10.21 -0.19
CA HIS A 80 -6.94 -10.66 1.19
C HIS A 80 -5.77 -10.01 1.93
N ILE A 81 -5.17 -8.96 1.36
CA ILE A 81 -3.94 -8.41 1.94
C ILE A 81 -4.16 -7.72 3.29
N TRP A 82 -5.39 -7.33 3.59
CA TRP A 82 -5.62 -6.75 4.92
C TRP A 82 -6.20 -7.73 5.96
N ASP A 83 -6.49 -8.96 5.55
CA ASP A 83 -7.22 -9.94 6.38
C ASP A 83 -6.67 -10.17 7.78
N GLU A 84 -5.35 -10.37 7.89
CA GLU A 84 -4.77 -10.88 9.11
C GLU A 84 -4.93 -9.93 10.30
N TRP A 85 -4.83 -8.62 10.06
CA TRP A 85 -5.06 -7.63 11.12
C TRP A 85 -6.52 -7.59 11.58
N ALA A 86 -7.44 -7.94 10.68
CA ALA A 86 -8.84 -8.08 11.06
C ALA A 86 -9.04 -9.38 11.83
N PHE A 87 -8.60 -10.48 11.22
CA PHE A 87 -8.63 -11.81 11.84
C PHE A 87 -8.10 -11.76 13.26
N GLU A 88 -7.02 -10.99 13.42
CA GLU A 88 -6.32 -10.86 14.68
C GLU A 88 -7.15 -10.24 15.79
N LYS A 89 -8.03 -9.31 15.43
CA LYS A 89 -8.87 -8.64 16.42
C LYS A 89 -10.00 -9.57 16.88
N TRP A 90 -10.36 -10.51 16.02
CA TRP A 90 -11.43 -11.46 16.27
C TRP A 90 -10.95 -12.68 17.06
N VAL A 91 -9.77 -13.17 16.70
CA VAL A 91 -9.12 -14.30 17.37
C VAL A 91 -8.79 -13.95 18.83
N LYS A 92 -8.38 -12.70 19.05
CA LYS A 92 -7.94 -12.23 20.36
C LYS A 92 -9.16 -11.89 21.22
N SER A 93 -10.34 -12.17 20.69
CA SER A 93 -11.59 -11.74 21.32
C SER A 93 -12.31 -12.82 22.14
N ASP A 94 -13.30 -12.34 22.90
CA ASP A 94 -14.13 -13.12 23.82
C ASP A 94 -15.26 -13.86 23.12
N GLU A 95 -15.60 -13.43 21.91
CA GLU A 95 -16.70 -13.98 21.11
C GLU A 95 -16.28 -15.24 20.34
N TYR A 96 -14.96 -15.52 20.33
CA TYR A 96 -14.31 -16.56 19.51
C TYR A 96 -14.16 -17.93 20.18
N HIS A 97 -14.64 -18.98 19.51
CA HIS A 97 -14.62 -20.35 20.07
C HIS A 97 -14.15 -21.42 19.09
N GLY A 98 -12.86 -21.41 18.81
CA GLY A 98 -12.25 -22.40 17.96
C GLY A 98 -10.85 -22.68 18.47
N PRO A 99 -10.11 -23.56 17.77
CA PRO A 99 -8.74 -23.91 18.19
C PRO A 99 -7.84 -22.68 18.31
N ASP A 100 -7.21 -22.51 19.46
CA ASP A 100 -6.53 -21.26 19.82
C ASP A 100 -5.17 -21.05 19.12
N MET A 101 -4.84 -19.79 18.83
CA MET A 101 -3.54 -19.43 18.28
C MET A 101 -2.98 -18.14 18.88
N THR A 102 -2.14 -18.30 19.90
CA THR A 102 -1.53 -17.16 20.59
C THR A 102 -0.67 -16.32 19.65
N ASP A 103 -0.06 -16.97 18.66
CA ASP A 103 0.72 -16.27 17.64
C ASP A 103 0.79 -17.06 16.33
N PHE A 104 -0.31 -17.02 15.58
CA PHE A 104 -0.39 -17.52 14.20
C PHE A 104 0.59 -16.76 13.31
N GLY A 105 0.70 -17.15 12.05
CA GLY A 105 1.63 -16.50 11.13
C GLY A 105 3.05 -16.96 11.38
N HIS A 106 3.53 -16.76 12.62
CA HIS A 106 4.82 -17.29 13.08
C HIS A 106 4.73 -18.82 13.12
N ARG A 107 3.71 -19.33 13.81
CA ARG A 107 3.44 -20.76 13.91
C ARG A 107 2.89 -21.37 12.60
N SER A 108 2.34 -20.52 11.73
CA SER A 108 1.73 -20.96 10.47
C SER A 108 2.76 -21.42 9.45
N GLN A 109 3.97 -20.88 9.55
CA GLN A 109 5.07 -21.26 8.67
C GLN A 109 5.72 -22.57 9.14
N LYS A 110 5.84 -22.74 10.47
CA LYS A 110 6.37 -23.97 11.07
C LYS A 110 5.54 -25.22 10.71
N ASP A 111 4.40 -25.41 11.39
CA ASP A 111 3.48 -26.51 11.13
C ASP A 111 3.03 -26.60 9.66
N PRO A 112 2.92 -27.83 9.12
CA PRO A 112 2.16 -28.00 7.90
C PRO A 112 0.75 -28.57 8.18
N GLU A 113 0.29 -28.46 9.43
CA GLU A 113 -1.05 -28.92 9.81
C GLU A 113 -1.77 -28.00 10.80
N PHE A 114 -1.03 -27.07 11.39
CA PHE A 114 -1.65 -25.93 12.07
C PHE A 114 -2.05 -24.91 11.00
N ALA A 115 -1.19 -24.77 9.99
CA ALA A 115 -1.50 -24.02 8.77
C ALA A 115 -2.79 -24.51 8.12
N ALA A 116 -3.21 -25.73 8.47
CA ALA A 116 -4.45 -26.29 7.98
C ALA A 116 -5.65 -25.77 8.78
N VAL A 117 -5.50 -25.73 10.11
CA VAL A 117 -6.56 -25.25 11.00
C VAL A 117 -6.78 -23.74 10.79
N TYR A 118 -5.68 -22.99 10.85
CA TYR A 118 -5.66 -21.53 10.62
C TYR A 118 -6.35 -21.10 9.31
N HIS A 119 -5.96 -21.72 8.19
CA HIS A 119 -6.53 -21.40 6.88
C HIS A 119 -8.03 -21.72 6.78
N GLU A 120 -8.53 -22.57 7.68
CA GLU A 120 -9.97 -22.88 7.74
C GLU A 120 -10.71 -21.83 8.58
N GLU A 121 -10.18 -21.56 9.78
CA GLU A 121 -10.70 -20.49 10.63
C GLU A 121 -10.75 -19.16 9.85
N MET A 122 -9.65 -18.83 9.18
CA MET A 122 -9.56 -17.62 8.37
C MET A 122 -10.58 -17.61 7.24
N ALA A 123 -10.81 -18.77 6.65
CA ALA A 123 -11.78 -18.89 5.57
C ALA A 123 -13.20 -18.66 6.06
N LYS A 124 -13.41 -18.95 7.34
CA LYS A 124 -14.71 -18.90 8.01
C LYS A 124 -15.00 -17.45 8.39
N PHE A 125 -14.02 -16.84 9.04
CA PHE A 125 -13.99 -15.41 9.30
C PHE A 125 -14.30 -14.60 8.04
N ASP A 126 -13.59 -14.89 6.95
CA ASP A 126 -13.84 -14.23 5.66
C ASP A 126 -15.30 -14.36 5.24
N ASP A 127 -15.91 -15.50 5.52
CA ASP A 127 -17.26 -15.71 5.06
C ASP A 127 -18.30 -14.99 5.94
N ARG A 128 -18.14 -15.10 7.26
CA ARG A 128 -18.96 -14.36 8.21
C ARG A 128 -18.89 -12.83 7.99
N VAL A 129 -17.70 -12.33 7.63
CA VAL A 129 -17.53 -10.90 7.33
C VAL A 129 -18.29 -10.53 6.06
N LEU A 130 -18.25 -11.40 5.07
CA LEU A 130 -18.99 -11.21 3.83
C LEU A 130 -20.53 -11.23 3.96
N HIS A 131 -21.08 -11.93 4.93
CA HIS A 131 -22.52 -12.24 4.89
C HIS A 131 -23.29 -11.88 6.15
N ASP A 132 -22.56 -11.54 7.20
CA ASP A 132 -23.13 -11.16 8.45
C ASP A 132 -22.82 -9.67 8.81
N ASP A 133 -23.78 -8.79 8.52
CA ASP A 133 -23.65 -7.34 8.66
C ASP A 133 -23.08 -6.88 10.00
N ALA A 134 -23.60 -7.45 11.08
CA ALA A 134 -23.16 -7.08 12.44
C ALA A 134 -21.77 -7.63 12.79
N PHE A 135 -21.43 -8.79 12.24
CA PHE A 135 -20.15 -9.39 12.53
C PHE A 135 -19.09 -8.54 11.84
N ALA A 136 -19.42 -8.10 10.63
CA ALA A 136 -18.60 -7.25 9.78
C ALA A 136 -18.33 -5.88 10.38
N ALA A 137 -19.37 -5.27 10.97
CA ALA A 137 -19.26 -3.97 11.62
C ALA A 137 -18.29 -4.04 12.78
N LYS A 138 -18.33 -5.16 13.48
CA LYS A 138 -17.55 -5.40 14.68
C LYS A 138 -16.09 -5.80 14.35
N TYR A 139 -15.88 -6.64 13.33
CA TYR A 139 -14.58 -7.24 13.09
C TYR A 139 -13.99 -6.97 11.72
N GLY A 140 -14.84 -6.60 10.78
CA GLY A 140 -14.40 -6.26 9.46
C GLY A 140 -13.73 -4.88 9.45
N ASP A 141 -14.03 -4.06 10.45
CA ASP A 141 -13.66 -2.62 10.43
C ASP A 141 -12.29 -2.50 11.07
N LEU A 142 -11.29 -2.07 10.29
CA LEU A 142 -9.93 -1.93 10.86
C LEU A 142 -9.70 -0.64 11.67
N GLY A 143 -10.63 0.31 11.56
CA GLY A 143 -10.60 1.51 12.39
C GLY A 143 -9.67 2.54 11.77
N LEU A 144 -8.48 2.68 12.34
CA LEU A 144 -7.55 3.71 11.92
C LEU A 144 -6.56 3.28 10.86
N VAL A 145 -7.01 3.10 9.63
CA VAL A 145 -6.11 2.76 8.54
C VAL A 145 -6.25 3.88 7.51
N TYR A 146 -5.61 3.78 6.36
CA TYR A 146 -5.53 4.90 5.41
C TYR A 146 -6.84 5.55 4.99
N GLY A 147 -7.89 4.76 4.75
CA GLY A 147 -9.16 5.35 4.36
C GLY A 147 -9.66 6.41 5.36
N SER A 148 -9.55 6.14 6.66
CA SER A 148 -9.90 7.15 7.64
C SER A 148 -8.91 8.34 7.76
N GLN A 149 -7.60 8.11 7.67
CA GLN A 149 -6.69 9.24 7.82
C GLN A 149 -6.77 10.12 6.63
N TRP A 150 -6.90 9.54 5.45
CA TRP A 150 -6.97 10.35 4.24
C TRP A 150 -8.30 11.12 4.11
N ARG A 151 -9.40 10.49 4.49
CA ARG A 151 -10.71 11.05 4.11
C ARG A 151 -11.66 11.31 5.27
N ALA A 152 -11.30 10.92 6.47
CA ALA A 152 -12.17 11.13 7.62
C ALA A 152 -11.36 11.40 8.90
N TRP A 153 -10.46 12.36 8.85
CA TRP A 153 -9.52 12.53 9.95
C TRP A 153 -10.30 13.08 11.16
N HIS A 154 -10.11 12.46 12.33
CA HIS A 154 -10.92 12.76 13.52
C HIS A 154 -10.44 14.01 14.26
N THR A 155 -11.30 15.02 14.36
CA THR A 155 -10.94 16.28 15.01
C THR A 155 -11.23 16.31 16.48
N SER A 156 -10.73 17.36 17.12
CA SER A 156 -10.91 17.61 18.57
C SER A 156 -12.37 17.86 18.93
N LYS A 157 -13.11 18.46 18.01
CA LYS A 157 -14.55 18.69 18.20
C LYS A 157 -15.42 17.44 17.96
N GLY A 158 -14.81 16.25 17.90
CA GLY A 158 -15.55 15.06 17.47
C GLY A 158 -16.13 15.19 16.06
N ASP A 159 -15.52 16.01 15.22
CA ASP A 159 -15.88 16.11 13.82
C ASP A 159 -14.87 15.32 12.94
N THR A 160 -15.01 15.46 11.64
CA THR A 160 -14.24 14.62 10.76
C THR A 160 -13.82 15.44 9.52
N ILE A 161 -12.57 15.29 9.07
CA ILE A 161 -12.12 16.01 7.87
C ILE A 161 -11.64 15.09 6.75
N ASP A 162 -12.05 15.45 5.55
CA ASP A 162 -11.65 14.87 4.30
C ASP A 162 -10.38 15.55 3.75
N GLN A 163 -9.22 15.17 4.26
CA GLN A 163 -7.98 15.81 3.82
C GLN A 163 -7.77 15.68 2.37
N LEU A 164 -7.89 14.46 1.85
CA LEU A 164 -7.59 14.23 0.42
C LEU A 164 -8.58 15.01 -0.46
N GLY A 165 -9.87 14.90 -0.18
CA GLY A 165 -10.86 15.73 -0.95
C GLY A 165 -10.51 17.23 -0.93
N ASP A 166 -10.19 17.77 0.24
CA ASP A 166 -9.85 19.19 0.30
C ASP A 166 -8.59 19.50 -0.49
N VAL A 167 -7.59 18.61 -0.41
CA VAL A 167 -6.39 18.85 -1.22
C VAL A 167 -6.73 18.85 -2.70
N ILE A 168 -7.53 17.88 -3.16
CA ILE A 168 -7.92 17.87 -4.58
C ILE A 168 -8.67 19.13 -5.02
N GLU A 169 -9.59 19.65 -4.21
CA GLU A 169 -10.18 20.95 -4.57
C GLU A 169 -9.10 22.07 -4.68
N GLN A 170 -8.15 22.10 -3.75
CA GLN A 170 -7.02 23.06 -3.83
C GLN A 170 -6.15 22.89 -5.07
N ILE A 171 -5.96 21.66 -5.55
CA ILE A 171 -5.14 21.48 -6.76
C ILE A 171 -5.80 22.17 -7.96
N LYS A 172 -7.14 22.08 -8.00
CA LYS A 172 -7.94 22.67 -9.06
C LYS A 172 -7.97 24.20 -9.01
N THR A 173 -8.02 24.77 -7.80
CA THR A 173 -8.14 26.22 -7.61
C THR A 173 -6.79 26.89 -7.37
N HIS A 174 -5.94 26.28 -6.54
CA HIS A 174 -4.63 26.83 -6.23
C HIS A 174 -3.51 25.85 -6.55
N PRO A 175 -3.28 25.57 -7.83
CA PRO A 175 -2.34 24.54 -8.27
C PRO A 175 -0.87 24.76 -7.83
N TYR A 176 -0.52 26.03 -7.60
CA TYR A 176 0.85 26.37 -7.19
C TYR A 176 1.04 26.46 -5.65
N SER A 177 -0.02 26.15 -4.90
CA SER A 177 0.08 26.04 -3.46
C SER A 177 1.26 25.09 -3.13
N ARG A 178 1.96 25.41 -2.06
CA ARG A 178 3.03 24.56 -1.49
C ARG A 178 2.46 23.89 -0.27
N ARG A 179 1.13 23.91 -0.17
CA ARG A 179 0.47 23.27 0.98
C ARG A 179 -0.38 22.05 0.58
N LEU A 180 -0.08 21.42 -0.55
CA LEU A 180 -0.93 20.31 -0.99
C LEU A 180 -0.50 18.98 -0.35
N ILE A 181 -0.78 18.85 0.94
CA ILE A 181 -0.28 17.77 1.79
C ILE A 181 -1.40 16.93 2.38
N VAL A 182 -1.19 15.61 2.40
CA VAL A 182 -2.09 14.72 3.11
C VAL A 182 -1.21 14.01 4.09
N SER A 183 -1.59 13.99 5.37
CA SER A 183 -0.78 13.28 6.32
C SER A 183 -1.54 12.09 6.84
N ALA A 184 -0.86 11.00 7.19
CA ALA A 184 -1.50 9.83 7.80
C ALA A 184 -1.01 9.67 9.22
N TRP A 185 -0.18 10.61 9.70
CA TRP A 185 0.44 10.49 11.02
C TRP A 185 -0.29 11.35 12.08
N ASN A 186 -0.94 10.69 13.03
CA ASN A 186 -1.73 11.38 14.03
C ASN A 186 -1.08 11.15 15.35
N PRO A 187 -0.33 12.14 15.88
CA PRO A 187 0.37 12.05 17.17
C PRO A 187 -0.53 11.55 18.32
N GLU A 188 -1.83 11.83 18.25
CA GLU A 188 -2.74 11.28 19.28
C GLU A 188 -2.97 9.74 19.21
N ASP A 189 -2.96 9.16 18.01
CA ASP A 189 -3.32 7.75 17.86
C ASP A 189 -2.10 6.88 17.88
N VAL A 190 -1.02 7.42 17.33
CA VAL A 190 0.17 6.69 17.00
C VAL A 190 0.85 5.92 18.15
N PRO A 191 0.65 6.35 19.42
CA PRO A 191 1.33 5.55 20.43
C PRO A 191 0.54 4.33 20.95
N THR A 192 -0.75 4.24 20.64
CA THR A 192 -1.48 3.03 21.03
C THR A 192 -1.96 2.19 19.83
N MET A 193 -2.25 2.84 18.70
CA MET A 193 -2.77 2.11 17.54
C MET A 193 -1.98 0.85 17.14
N ALA A 194 -2.67 -0.10 16.49
CA ALA A 194 -2.04 -1.35 16.05
C ALA A 194 -0.97 -1.12 14.98
N LEU A 195 -1.22 -0.19 14.06
CA LEU A 195 -0.29 -0.01 12.95
C LEU A 195 -0.01 1.48 12.62
N PRO A 196 0.96 2.09 13.32
CA PRO A 196 1.35 3.49 12.97
C PRO A 196 1.75 3.57 11.47
N PRO A 197 1.14 4.48 10.72
CA PRO A 197 1.25 4.38 9.26
C PRO A 197 2.71 4.47 8.72
N CYS A 198 3.04 3.54 7.82
CA CYS A 198 4.31 3.54 7.12
C CYS A 198 4.32 4.61 6.06
N HIS A 199 3.17 4.90 5.48
CA HIS A 199 3.05 5.90 4.43
C HIS A 199 2.59 7.17 5.05
N THR A 200 3.58 7.85 5.61
CA THR A 200 3.43 8.83 6.67
C THR A 200 2.75 10.05 6.13
N LEU A 201 3.18 10.50 4.96
CA LEU A 201 2.63 11.71 4.39
C LEU A 201 2.98 11.90 2.92
N TYR A 202 2.17 12.65 2.19
CA TYR A 202 2.54 12.91 0.85
C TYR A 202 2.13 14.29 0.46
N GLN A 203 2.74 14.76 -0.64
CA GLN A 203 2.57 16.11 -1.07
C GLN A 203 2.48 16.15 -2.61
N PHE A 204 1.56 16.95 -3.15
CA PHE A 204 1.49 17.23 -4.57
C PHE A 204 2.19 18.50 -4.97
N TYR A 205 2.54 18.56 -6.26
CA TYR A 205 3.19 19.72 -6.84
C TYR A 205 2.88 19.79 -8.32
N VAL A 206 2.56 20.99 -8.79
CA VAL A 206 2.19 21.22 -10.18
C VAL A 206 3.15 22.16 -10.87
N ASN A 207 3.63 21.79 -12.04
CA ASN A 207 4.39 22.70 -12.89
C ASN A 207 4.15 22.34 -14.35
N ASP A 208 3.96 23.34 -15.21
CA ASP A 208 3.72 23.14 -16.66
C ASP A 208 2.60 22.14 -16.95
N GLY A 209 1.52 22.22 -16.19
CA GLY A 209 0.39 21.32 -16.37
C GLY A 209 0.66 19.87 -15.99
N LYS A 210 1.77 19.59 -15.31
CA LYS A 210 2.04 18.20 -14.87
C LYS A 210 1.94 18.02 -13.35
N LEU A 211 1.29 16.97 -12.91
CA LEU A 211 1.14 16.72 -11.47
C LEU A 211 2.20 15.76 -10.97
N SER A 212 3.00 16.17 -9.94
CA SER A 212 3.95 15.25 -9.27
C SER A 212 3.48 14.97 -7.87
N LEU A 213 4.06 13.95 -7.26
CA LEU A 213 3.69 13.53 -5.95
C LEU A 213 4.94 13.00 -5.29
N GLN A 214 5.12 13.41 -4.04
CA GLN A 214 6.22 12.86 -3.26
C GLN A 214 5.64 12.20 -2.04
N LEU A 215 6.11 11.00 -1.75
CA LEU A 215 5.66 10.27 -0.59
C LEU A 215 6.79 10.17 0.41
N TYR A 216 6.50 10.46 1.67
CA TYR A 216 7.51 10.20 2.70
C TYR A 216 7.05 8.94 3.39
N GLN A 217 7.87 7.90 3.28
CA GLN A 217 7.56 6.61 3.86
C GLN A 217 8.58 6.28 4.97
N ARG A 218 8.11 6.24 6.22
CA ARG A 218 9.02 6.22 7.38
C ARG A 218 9.77 4.90 7.48
N SER A 219 9.19 3.85 6.89
CA SER A 219 9.68 2.48 7.05
C SER A 219 9.21 1.61 5.85
N ALA A 220 10.10 0.80 5.28
CA ALA A 220 9.81 0.13 3.99
C ALA A 220 10.45 -1.26 3.91
N ASP A 221 9.64 -2.30 3.67
CA ASP A 221 10.15 -3.70 3.40
C ASP A 221 10.46 -3.66 1.94
N ILE A 222 11.72 -3.56 1.61
CA ILE A 222 12.13 -3.33 0.23
C ILE A 222 11.67 -4.46 -0.69
N PHE A 223 11.70 -5.69 -0.19
CA PHE A 223 11.34 -6.85 -1.01
C PHE A 223 9.81 -7.04 -1.16
N LEU A 224 9.12 -7.19 -0.04
CA LEU A 224 7.67 -7.38 -0.08
C LEU A 224 6.85 -6.13 -0.36
N GLY A 225 7.13 -5.02 0.33
CA GLY A 225 6.18 -3.91 0.30
C GLY A 225 6.46 -2.89 -0.77
N VAL A 226 7.74 -2.51 -0.91
CA VAL A 226 8.04 -1.36 -1.78
C VAL A 226 7.49 -1.48 -3.22
N PRO A 227 7.60 -2.67 -3.85
CA PRO A 227 7.01 -2.75 -5.19
C PRO A 227 5.48 -2.50 -5.27
N PHE A 228 4.69 -2.95 -4.28
CA PHE A 228 3.26 -2.56 -4.16
C PHE A 228 3.15 -1.07 -3.91
N ASN A 229 3.94 -0.56 -2.95
CA ASN A 229 3.88 0.90 -2.57
C ASN A 229 4.14 1.80 -3.76
N ILE A 230 5.17 1.48 -4.53
CA ILE A 230 5.46 2.34 -5.68
C ILE A 230 4.24 2.40 -6.64
N ALA A 231 3.63 1.24 -6.89
CA ALA A 231 2.48 1.18 -7.83
C ALA A 231 1.24 1.85 -7.22
N SER A 232 0.95 1.72 -5.91
CA SER A 232 -0.22 2.44 -5.34
C SER A 232 -0.14 3.93 -5.53
N TYR A 233 1.00 4.50 -5.17
CA TYR A 233 1.20 5.99 -5.24
C TYR A 233 1.40 6.55 -6.65
N ALA A 234 2.01 5.74 -7.51
CA ALA A 234 1.96 6.09 -8.93
C ALA A 234 0.52 6.13 -9.49
N LEU A 235 -0.30 5.13 -9.14
CA LEU A 235 -1.69 5.08 -9.57
C LEU A 235 -2.43 6.27 -8.92
N LEU A 236 -2.25 6.46 -7.61
CA LEU A 236 -2.85 7.63 -6.95
C LEU A 236 -2.55 8.89 -7.72
N THR A 237 -1.28 9.05 -8.14
CA THR A 237 -0.88 10.26 -8.84
C THR A 237 -1.60 10.40 -10.18
N HIS A 238 -1.66 9.32 -10.96
CA HIS A 238 -2.45 9.32 -12.21
C HIS A 238 -3.93 9.66 -12.01
N LEU A 239 -4.57 9.09 -10.99
CA LEU A 239 -6.00 9.30 -10.75
C LEU A 239 -6.29 10.75 -10.36
N VAL A 240 -5.49 11.28 -9.42
CA VAL A 240 -5.65 12.68 -9.06
C VAL A 240 -5.41 13.61 -10.26
N ALA A 241 -4.41 13.29 -11.08
CA ALA A 241 -4.12 14.11 -12.29
C ALA A 241 -5.30 14.11 -13.25
N HIS A 242 -5.95 12.96 -13.35
CA HIS A 242 -7.10 12.75 -14.25
C HIS A 242 -8.28 13.57 -13.79
N GLU A 243 -8.55 13.54 -12.49
CA GLU A 243 -9.63 14.32 -11.97
C GLU A 243 -9.44 15.80 -12.24
N CYS A 244 -8.20 16.25 -12.08
CA CYS A 244 -7.86 17.65 -12.16
C CYS A 244 -7.57 18.09 -13.55
N GLY A 245 -7.66 17.17 -14.54
CA GLY A 245 -7.30 17.51 -15.92
C GLY A 245 -5.83 17.83 -16.20
N LEU A 246 -4.91 17.25 -15.43
CA LEU A 246 -3.47 17.51 -15.67
C LEU A 246 -2.73 16.32 -16.28
N GLU A 247 -1.54 16.56 -16.81
CA GLU A 247 -0.66 15.47 -17.16
C GLU A 247 0.02 14.95 -15.86
N VAL A 248 0.71 13.84 -15.97
CA VAL A 248 1.50 13.33 -14.86
C VAL A 248 2.94 13.77 -15.00
N GLY A 249 3.56 14.04 -13.84
CA GLY A 249 4.93 14.53 -13.79
C GLY A 249 5.76 13.39 -13.20
N GLU A 250 6.30 13.62 -12.00
CA GLU A 250 7.12 12.60 -11.35
C GLU A 250 6.46 12.02 -10.11
N PHE A 251 6.70 10.76 -9.84
CA PHE A 251 6.44 10.26 -8.50
C PHE A 251 7.80 10.15 -7.83
N ILE A 252 7.94 10.74 -6.64
CA ILE A 252 9.21 10.71 -5.88
C ILE A 252 8.97 9.97 -4.60
N HIS A 253 9.79 8.97 -4.37
CA HIS A 253 9.53 8.10 -3.28
C HIS A 253 10.68 8.24 -2.28
N THR A 254 10.39 8.81 -1.10
CA THR A 254 11.41 9.13 -0.15
C THR A 254 11.28 8.27 1.10
N PHE A 255 12.39 7.72 1.58
CA PHE A 255 12.33 6.84 2.72
C PHE A 255 13.01 7.41 3.95
N GLY A 256 12.48 6.99 5.10
CA GLY A 256 13.16 6.98 6.35
C GLY A 256 14.00 5.73 6.26
N ASP A 257 13.62 4.71 7.04
CA ASP A 257 14.31 3.40 7.12
C ASP A 257 13.77 2.52 5.97
N ALA A 258 14.64 2.08 5.07
CA ALA A 258 14.27 1.09 4.08
C ALA A 258 15.07 -0.17 4.37
N HIS A 259 14.42 -1.31 4.48
CA HIS A 259 15.15 -2.48 4.92
C HIS A 259 14.82 -3.77 4.17
N LEU A 260 15.80 -4.65 4.23
CA LEU A 260 15.72 -6.01 3.74
C LEU A 260 15.79 -6.90 4.95
N TYR A 261 14.92 -7.89 5.02
CA TYR A 261 14.95 -8.86 6.09
C TYR A 261 16.05 -9.88 5.81
N VAL A 262 16.72 -10.30 6.88
CA VAL A 262 17.95 -11.06 6.75
C VAL A 262 17.75 -12.45 6.07
N ASN A 263 16.48 -12.87 5.97
CA ASN A 263 16.08 -14.10 5.30
C ASN A 263 15.50 -13.87 3.88
N HIS A 264 15.35 -12.61 3.46
CA HIS A 264 14.93 -12.31 2.09
C HIS A 264 16.13 -12.08 1.18
N LEU A 265 17.32 -12.34 1.69
CA LEU A 265 18.52 -11.96 0.96
C LEU A 265 18.74 -12.66 -0.40
N ASP A 266 18.50 -13.98 -0.47
CA ASP A 266 18.71 -14.71 -1.73
C ASP A 266 17.61 -14.43 -2.73
N GLN A 267 16.40 -14.17 -2.23
CA GLN A 267 15.33 -13.81 -3.13
C GLN A 267 15.61 -12.54 -3.93
N ILE A 268 16.11 -11.51 -3.26
CA ILE A 268 16.36 -10.24 -3.90
C ILE A 268 17.58 -10.32 -4.79
N LYS A 269 18.56 -11.14 -4.36
CA LYS A 269 19.72 -11.42 -5.18
C LYS A 269 19.37 -12.04 -6.54
N GLU A 270 18.45 -12.99 -6.57
CA GLU A 270 18.00 -13.61 -7.85
C GLU A 270 17.26 -12.60 -8.68
N GLN A 271 16.47 -11.73 -8.03
CA GLN A 271 15.80 -10.70 -8.80
C GLN A 271 16.78 -9.74 -9.43
N LEU A 272 17.92 -9.54 -8.78
CA LEU A 272 18.93 -8.66 -9.36
C LEU A 272 19.54 -9.24 -10.64
N SER A 273 19.38 -10.56 -10.86
CA SER A 273 19.72 -11.27 -12.15
C SER A 273 18.94 -10.83 -13.38
N ARG A 274 17.74 -10.29 -13.17
CA ARG A 274 16.76 -10.16 -14.23
C ARG A 274 16.87 -8.79 -14.87
N THR A 275 16.49 -8.68 -16.13
CA THR A 275 16.68 -7.50 -16.91
C THR A 275 15.33 -6.79 -17.20
N PRO A 276 15.13 -5.54 -16.68
CA PRO A 276 13.83 -4.88 -16.87
C PRO A 276 13.35 -4.94 -18.33
N ARG A 277 12.03 -4.96 -18.50
CA ARG A 277 11.40 -4.96 -19.80
C ARG A 277 10.72 -3.62 -19.98
N PRO A 278 10.24 -3.29 -21.20
CA PRO A 278 9.57 -2.00 -21.27
C PRO A 278 8.31 -1.99 -20.41
N ALA A 279 8.01 -0.79 -19.89
CA ALA A 279 7.06 -0.58 -18.83
C ALA A 279 5.63 -0.65 -19.36
N PRO A 280 4.69 -1.09 -18.51
CA PRO A 280 3.29 -1.05 -18.93
C PRO A 280 2.79 0.39 -19.12
N THR A 281 1.57 0.54 -19.61
CA THR A 281 0.94 1.86 -19.81
C THR A 281 -0.37 1.82 -19.05
N LEU A 282 -0.76 2.93 -18.46
CA LEU A 282 -2.06 2.97 -17.77
C LEU A 282 -3.14 3.66 -18.62
N GLN A 283 -4.37 3.18 -18.52
CA GLN A 283 -5.50 3.78 -19.25
C GLN A 283 -6.59 4.00 -18.24
N LEU A 284 -7.12 5.21 -18.22
CA LEU A 284 -8.16 5.55 -17.27
C LEU A 284 -9.45 5.90 -18.00
N ASN A 285 -10.59 5.57 -17.40
CA ASN A 285 -11.86 5.97 -18.00
C ASN A 285 -11.91 7.44 -18.46
N PRO A 286 -11.89 7.67 -19.80
CA PRO A 286 -11.69 8.99 -20.40
C PRO A 286 -12.87 9.91 -20.29
N ASP A 287 -13.97 9.41 -19.73
CA ASP A 287 -15.21 10.15 -19.65
C ASP A 287 -15.76 10.13 -18.24
N LYS A 288 -15.01 9.57 -17.30
CA LYS A 288 -15.34 9.69 -15.86
C LYS A 288 -14.25 10.47 -15.10
N HIS A 289 -14.63 11.26 -14.08
CA HIS A 289 -13.69 12.21 -13.46
C HIS A 289 -13.54 12.25 -11.93
N ASP A 290 -14.61 11.97 -11.19
CA ASP A 290 -14.50 11.86 -9.74
C ASP A 290 -13.94 10.49 -9.38
N ILE A 291 -12.68 10.47 -8.94
CA ILE A 291 -11.97 9.25 -8.63
C ILE A 291 -12.47 8.61 -7.38
N PHE A 292 -13.21 9.36 -6.56
CA PHE A 292 -13.77 8.76 -5.33
C PHE A 292 -14.93 7.76 -5.65
N ASP A 293 -15.44 7.78 -6.89
CA ASP A 293 -16.39 6.77 -7.35
C ASP A 293 -15.86 5.93 -8.53
N PHE A 294 -14.55 5.96 -8.78
CA PHE A 294 -13.95 5.06 -9.78
C PHE A 294 -14.18 3.61 -9.35
N ASP A 295 -14.35 2.71 -10.31
CA ASP A 295 -14.31 1.30 -9.92
C ASP A 295 -13.25 0.54 -10.70
N MET A 296 -13.11 -0.74 -10.41
CA MET A 296 -12.06 -1.64 -10.95
C MET A 296 -11.94 -1.52 -12.42
N LYS A 297 -13.10 -1.50 -13.06
CA LYS A 297 -13.19 -1.41 -14.52
C LYS A 297 -12.73 -0.09 -15.11
N ASP A 298 -12.65 0.97 -14.29
CA ASP A 298 -12.29 2.28 -14.85
C ASP A 298 -10.78 2.45 -15.00
N ILE A 299 -10.04 1.49 -14.48
CA ILE A 299 -8.59 1.52 -14.54
C ILE A 299 -8.03 0.34 -15.35
N LYS A 300 -7.32 0.61 -16.45
CA LYS A 300 -6.67 -0.49 -17.18
C LYS A 300 -5.14 -0.40 -17.34
N LEU A 301 -4.49 -1.54 -17.18
CA LEU A 301 -3.05 -1.65 -17.38
C LEU A 301 -2.76 -2.41 -18.68
N LEU A 302 -2.06 -1.79 -19.61
CA LEU A 302 -1.72 -2.34 -20.92
C LEU A 302 -0.25 -2.77 -21.03
N ASN A 303 -0.04 -3.95 -21.60
CA ASN A 303 1.27 -4.41 -22.04
C ASN A 303 2.22 -4.76 -20.88
N TYR A 304 1.66 -5.35 -19.83
CA TYR A 304 2.44 -5.67 -18.68
C TYR A 304 3.01 -7.04 -18.89
N ASP A 305 4.33 -7.14 -18.84
CA ASP A 305 5.01 -8.35 -19.28
C ASP A 305 6.05 -8.72 -18.28
N PRO A 306 5.65 -9.24 -17.08
CA PRO A 306 6.57 -9.48 -16.02
C PRO A 306 7.24 -10.84 -16.00
N TYR A 307 8.44 -10.88 -15.43
CA TYR A 307 9.07 -12.08 -14.96
C TYR A 307 8.19 -12.71 -13.88
N PRO A 308 8.45 -13.98 -13.54
CA PRO A 308 7.58 -14.61 -12.56
C PRO A 308 7.66 -14.01 -11.15
N ALA A 309 6.64 -14.30 -10.34
CA ALA A 309 6.63 -13.89 -8.95
C ALA A 309 7.63 -14.70 -8.19
N ILE A 310 8.22 -14.09 -7.16
CA ILE A 310 9.13 -14.79 -6.29
C ILE A 310 8.43 -15.02 -4.95
N LYS A 311 7.80 -16.19 -4.82
CA LYS A 311 7.17 -16.64 -3.59
C LYS A 311 8.22 -16.76 -2.48
N ALA A 312 8.35 -15.70 -1.65
CA ALA A 312 9.35 -15.69 -0.55
C ALA A 312 8.84 -15.39 0.87
#